data_2OPL
#
_entry.id   2OPL
#
_cell.length_a   47.240
_cell.length_b   83.010
_cell.length_c   95.450
_cell.angle_alpha   90.000
_cell.angle_beta   90.000
_cell.angle_gamma   90.000
#
_symmetry.space_group_name_H-M   'P 21 21 21'
#
loop_
_entity.id
_entity.type
_entity.pdbx_description
1 polymer 'Hypothetical protein'
2 polymer 'Hypothetical protein'
3 non-polymer 'SODIUM ION'
4 non-polymer 'ACETATE ION'
5 non-polymer 'HEXAETHYLENE GLYCOL'
6 non-polymer 'SULFATE ION'
7 water water
#
loop_
_entity_poly.entity_id
_entity_poly.type
_entity_poly.pdbx_seq_one_letter_code
_entity_poly.pdbx_strand_id
1 'polypeptide(L)'
;G(MSE)SQTTVVNGVNVDQL(MSE)ATIEQIKAKPEIAQFKFRATNQW(MSE)GGTHNQATIKDFYGA(CSD)AEDDTRK
P(MSE)VFDLDEPPVLLGENRGANPVEYLLVALSGCLTTSLVAHAAARGIALRGVKSRYEGDIDLRGFLGLSEEVPVGYR
EIRVFFSIDADLTDGQKEELIR(MSE)AQKYSPVYNTVAKPVPVAVLLDRG
;
A
2 'polypeptide(L)'
;G(MSE)SQTTVVNGVNVDQL(MSE)ATIEQIKAKPEIAQFKFRATNQW(MSE)GGTHNQATIKDFYGACAEDDTRKP
(MSE)VFDLDEPPVLLGENRGANPVEYLLVALSGCLTTSLVAHAAARGIALRGVKSRYEGDIDLRGFLGLSEEVPVGYRE
IRVFFSIDADLTDGQKEELIR(MSE)AQKYSPVYNTVAKPVPVAVLLDRG
;
B
#
# COMPACT_ATOMS: atom_id res chain seq x y z
N THR A 5 -24.36 -5.40 22.96
CA THR A 5 -24.83 -6.44 22.01
C THR A 5 -24.99 -5.82 20.61
N THR A 6 -24.68 -4.54 20.51
CA THR A 6 -24.71 -3.83 19.26
C THR A 6 -23.28 -3.53 18.78
N VAL A 7 -22.29 -3.64 19.67
CA VAL A 7 -20.92 -3.30 19.33
C VAL A 7 -20.00 -4.42 19.85
N VAL A 8 -19.10 -4.85 18.98
CA VAL A 8 -18.09 -5.85 19.33
C VAL A 8 -16.78 -5.34 18.73
N ASN A 9 -15.75 -5.27 19.56
CA ASN A 9 -14.43 -4.83 19.10
C ASN A 9 -14.46 -3.42 18.54
N GLY A 10 -15.36 -2.59 19.07
CA GLY A 10 -15.51 -1.21 18.61
C GLY A 10 -16.08 -1.09 17.19
N VAL A 11 -16.66 -2.16 16.68
CA VAL A 11 -17.33 -2.19 15.40
C VAL A 11 -18.80 -2.29 15.68
N ASN A 12 -19.59 -1.42 15.04
CA ASN A 12 -21.00 -1.47 15.22
C ASN A 12 -21.58 -2.58 14.33
N VAL A 13 -21.89 -3.67 14.99
CA VAL A 13 -22.35 -4.84 14.27
CA VAL A 13 -22.39 -4.86 14.33
C VAL A 13 -23.79 -4.68 13.78
N ASP A 14 -24.60 -3.82 14.42
CA ASP A 14 -25.90 -3.47 13.82
C ASP A 14 -25.71 -2.78 12.46
N GLN A 15 -24.81 -1.84 12.39
CA GLN A 15 -24.57 -1.18 11.12
C GLN A 15 -24.02 -2.16 10.10
N LEU A 16 -23.11 -3.03 10.52
CA LEU A 16 -22.60 -4.06 9.61
C LEU A 16 -23.73 -4.91 9.05
N ALA A 18 -26.94 -4.17 8.85
CA ALA A 18 -27.78 -3.39 7.95
C ALA A 18 -27.12 -3.23 6.57
N THR A 19 -25.80 -2.99 6.55
CA THR A 19 -25.05 -2.81 5.31
C THR A 19 -25.09 -4.10 4.47
N ILE A 20 -24.90 -5.23 5.12
CA ILE A 20 -24.98 -6.51 4.43
C ILE A 20 -26.37 -6.70 3.84
N GLU A 21 -27.43 -6.39 4.58
CA GLU A 21 -28.78 -6.60 4.04
C GLU A 21 -29.07 -5.67 2.89
N GLN A 22 -28.59 -4.44 3.01
CA GLN A 22 -28.78 -3.47 1.93
C GLN A 22 -28.07 -3.96 0.64
N ILE A 23 -26.88 -4.51 0.77
CA ILE A 23 -26.08 -4.97 -0.37
C ILE A 23 -26.74 -6.20 -0.98
N LYS A 24 -27.25 -7.09 -0.14
CA LYS A 24 -27.94 -8.28 -0.68
C LYS A 24 -29.09 -7.87 -1.58
N ALA A 25 -29.87 -6.87 -1.18
CA ALA A 25 -30.99 -6.37 -1.95
C ALA A 25 -30.58 -5.60 -3.21
N LYS A 26 -29.54 -4.78 -3.10
CA LYS A 26 -29.13 -3.85 -4.17
C LYS A 26 -27.60 -3.92 -4.24
N PRO A 27 -27.04 -4.93 -4.95
CA PRO A 27 -25.60 -5.14 -5.00
CA PRO A 27 -25.60 -5.13 -4.99
C PRO A 27 -24.80 -3.94 -5.49
N GLU A 28 -25.44 -3.07 -6.25
CA GLU A 28 -24.77 -1.85 -6.73
C GLU A 28 -24.18 -0.98 -5.60
N ILE A 29 -24.78 -1.07 -4.41
CA ILE A 29 -24.37 -0.31 -3.23
CA ILE A 29 -24.35 -0.25 -3.28
C ILE A 29 -22.93 -0.63 -2.86
N ALA A 30 -22.52 -1.87 -3.12
CA ALA A 30 -21.18 -2.36 -2.80
C ALA A 30 -20.06 -1.87 -3.71
N GLN A 31 -20.38 -1.20 -4.82
CA GLN A 31 -19.35 -0.68 -5.70
C GLN A 31 -18.78 0.56 -5.06
N PHE A 32 -17.45 0.51 -4.75
CA PHE A 32 -16.72 1.65 -4.24
C PHE A 32 -15.60 2.06 -5.17
N LYS A 33 -15.25 3.34 -5.16
CA LYS A 33 -14.06 3.83 -5.87
C LYS A 33 -13.26 4.69 -4.93
N PHE A 34 -11.95 4.40 -4.86
CA PHE A 34 -11.03 5.16 -4.04
C PHE A 34 -10.03 5.87 -4.94
N ARG A 35 -9.60 7.04 -4.46
CA ARG A 35 -8.84 7.98 -5.28
C ARG A 35 -7.70 8.59 -4.53
N ALA A 36 -6.70 9.05 -5.29
CA ALA A 36 -5.66 9.89 -4.72
C ALA A 36 -5.16 10.85 -5.80
N THR A 37 -4.53 11.92 -5.37
CA THR A 37 -3.78 12.77 -6.26
C THR A 37 -2.36 12.91 -5.69
N ASN A 38 -1.40 13.20 -6.56
CA ASN A 38 -0.02 13.31 -6.12
C ASN A 38 0.68 14.42 -6.86
N GLN A 39 1.44 15.27 -6.14
CA GLN A 39 2.27 16.29 -6.76
CA GLN A 39 2.28 16.27 -6.77
C GLN A 39 3.74 16.02 -6.45
N TRP A 40 4.59 16.02 -7.49
CA TRP A 40 6.01 15.87 -7.29
C TRP A 40 6.56 17.17 -6.67
N GLY A 42 10.09 17.58 -6.09
CA GLY A 42 11.53 17.68 -6.36
C GLY A 42 12.23 16.46 -5.87
N GLY A 43 13.17 15.97 -6.68
CA GLY A 43 13.93 14.81 -6.26
C GLY A 43 13.04 13.63 -5.98
N THR A 44 13.35 12.91 -4.91
CA THR A 44 12.57 11.77 -4.48
C THR A 44 11.35 12.13 -3.65
N HIS A 45 11.06 13.43 -3.45
CA HIS A 45 10.00 13.85 -2.58
C HIS A 45 8.77 14.12 -3.39
N ASN A 46 7.65 13.52 -2.96
CA ASN A 46 6.36 13.86 -3.55
C ASN A 46 5.28 13.77 -2.46
N GLN A 47 4.09 14.30 -2.76
CA GLN A 47 3.02 14.46 -1.77
C GLN A 47 1.72 13.98 -2.32
N ALA A 48 1.08 13.08 -1.61
CA ALA A 48 -0.19 12.50 -1.99
C ALA A 48 -1.32 13.07 -1.14
N THR A 49 -2.49 13.22 -1.74
CA THR A 49 -3.66 13.69 -1.05
C THR A 49 -4.82 12.74 -1.26
N ILE A 50 -5.48 12.43 -0.15
CA ILE A 50 -6.72 11.65 -0.15
C ILE A 50 -7.85 12.59 0.27
N LYS A 51 -8.96 12.54 -0.45
CA LYS A 51 -10.10 13.45 -0.24
C LYS A 51 -11.38 12.67 -0.50
N ASP A 52 -11.88 12.75 -1.73
CA ASP A 52 -13.17 12.14 -2.02
C ASP A 52 -13.09 10.64 -2.28
N PHE A 53 -14.24 9.99 -2.21
CA PHE A 53 -14.42 8.63 -2.65
C PHE A 53 -15.82 8.48 -3.22
N TYR A 54 -16.10 7.33 -3.82
CA TYR A 54 -17.45 6.98 -4.30
C TYR A 54 -17.85 5.69 -3.66
N GLY A 55 -19.10 5.60 -3.22
CA GLY A 55 -19.63 4.35 -2.79
C GLY A 55 -21.09 4.47 -2.43
N ALA A 56 -21.75 3.32 -2.30
CA ALA A 56 -23.18 3.32 -1.93
C ALA A 56 -23.97 4.30 -2.80
N ALA A 58 -23.14 6.98 -4.47
CA ALA A 58 -22.93 8.41 -4.46
C ALA A 58 -21.48 8.85 -4.22
N GLU A 59 -21.12 10.01 -4.77
CA GLU A 59 -19.87 10.65 -4.46
C GLU A 59 -19.90 11.12 -3.01
N ASP A 60 -18.77 10.99 -2.34
CA ASP A 60 -18.60 11.48 -0.98
C ASP A 60 -17.35 12.36 -0.93
N ASP A 61 -17.59 13.64 -0.74
CA ASP A 61 -16.53 14.62 -0.59
C ASP A 61 -16.57 15.28 0.78
N THR A 62 -16.96 14.51 1.79
CA THR A 62 -17.20 15.04 3.13
C THR A 62 -15.95 15.19 4.01
N ARG A 63 -14.87 14.46 3.73
CA ARG A 63 -13.72 14.43 4.62
C ARG A 63 -12.77 15.60 4.39
N LYS A 64 -12.17 16.07 5.47
CA LYS A 64 -11.02 16.96 5.40
C LYS A 64 -9.91 16.21 4.61
N PRO A 65 -9.19 16.90 3.71
CA PRO A 65 -8.12 16.18 3.00
C PRO A 65 -7.05 15.67 3.93
N VAL A 67 -3.14 14.48 3.80
CA VAL A 67 -1.94 14.71 3.00
C VAL A 67 -0.78 13.89 3.54
N PHE A 68 -0.05 13.28 2.64
CA PHE A 68 1.05 12.36 2.98
C PHE A 68 2.32 12.71 2.23
N ASP A 69 3.45 12.79 2.92
CA ASP A 69 4.73 13.03 2.25
CA ASP A 69 4.75 13.03 2.26
C ASP A 69 5.48 11.72 2.04
N LEU A 70 5.94 11.51 0.83
CA LEU A 70 6.73 10.34 0.48
C LEU A 70 8.13 10.80 0.05
N ASP A 71 9.15 10.07 0.46
CA ASP A 71 10.54 10.41 0.13
C ASP A 71 11.38 9.12 0.17
N GLU A 72 12.67 9.22 0.50
CA GLU A 72 13.58 8.08 0.56
C GLU A 72 14.62 8.43 1.61
N PRO A 73 15.28 7.41 2.19
CA PRO A 73 16.46 7.66 3.01
C PRO A 73 17.63 8.12 2.12
N PRO A 74 18.66 8.75 2.70
CA PRO A 74 19.86 9.16 1.93
C PRO A 74 20.50 8.10 1.04
N VAL A 75 20.61 6.86 1.51
CA VAL A 75 21.14 5.80 0.66
C VAL A 75 20.28 5.53 -0.60
N LEU A 76 19.01 5.93 -0.57
CA LEU A 76 18.14 5.83 -1.73
C LEU A 76 17.78 7.22 -2.27
N LEU A 77 18.69 8.17 -2.04
CA LEU A 77 18.75 9.46 -2.76
C LEU A 77 17.78 10.53 -2.26
N GLY A 78 17.21 10.30 -1.07
CA GLY A 78 16.33 11.27 -0.45
C GLY A 78 16.87 11.86 0.84
N GLU A 79 16.01 12.54 1.59
CA GLU A 79 16.38 13.14 2.88
C GLU A 79 15.37 12.86 3.98
N ASN A 80 14.73 11.71 3.92
CA ASN A 80 13.80 11.31 4.98
C ASN A 80 12.74 12.41 5.23
N ARG A 81 12.24 12.98 4.16
CA ARG A 81 11.13 13.95 4.23
C ARG A 81 9.79 13.27 4.45
N GLY A 82 9.81 11.95 4.50
CA GLY A 82 8.62 11.12 4.68
C GLY A 82 9.07 9.69 4.51
N ALA A 83 8.19 8.76 4.86
CA ALA A 83 8.47 7.36 4.64
C ALA A 83 8.54 7.08 3.14
N ASN A 84 9.13 5.96 2.77
CA ASN A 84 9.22 5.69 1.34
C ASN A 84 8.04 4.92 0.82
N PRO A 85 7.83 4.92 -0.50
CA PRO A 85 6.59 4.28 -0.99
C PRO A 85 6.44 2.79 -0.67
N VAL A 86 7.53 2.03 -0.64
CA VAL A 86 7.37 0.60 -0.28
C VAL A 86 7.06 0.39 1.19
N GLU A 87 7.43 1.37 2.01
CA GLU A 87 7.04 1.40 3.43
C GLU A 87 5.55 1.71 3.56
N TYR A 88 5.07 2.69 2.79
CA TYR A 88 3.63 2.97 2.74
C TYR A 88 2.84 1.74 2.29
N LEU A 89 3.40 0.88 1.44
CA LEU A 89 2.66 -0.32 1.04
CA LEU A 89 2.69 -0.33 1.04
C LEU A 89 2.50 -1.24 2.23
N LEU A 90 3.55 -1.38 3.06
CA LEU A 90 3.41 -2.16 4.30
C LEU A 90 2.41 -1.53 5.26
N VAL A 91 2.39 -0.20 5.36
CA VAL A 91 1.40 0.46 6.17
C VAL A 91 -0.02 0.07 5.74
N ALA A 92 -0.29 0.16 4.43
CA ALA A 92 -1.59 -0.20 3.88
C ALA A 92 -1.96 -1.65 4.18
N LEU A 93 -1.01 -2.57 3.97
CA LEU A 93 -1.22 -3.97 4.22
C LEU A 93 -1.55 -4.20 5.68
N SER A 94 -0.79 -3.54 6.56
CA SER A 94 -0.98 -3.71 8.02
C SER A 94 -2.37 -3.23 8.46
N GLY A 95 -2.84 -2.10 7.91
CA GLY A 95 -4.16 -1.57 8.31
C GLY A 95 -5.28 -2.46 7.79
N CYS A 96 -5.12 -2.99 6.58
CA CYS A 96 -6.15 -3.80 5.98
C CYS A 96 -6.31 -5.15 6.68
N LEU A 97 -5.19 -5.84 6.86
CA LEU A 97 -5.22 -7.12 7.57
C LEU A 97 -5.80 -6.95 8.96
N THR A 98 -5.41 -5.90 9.67
CA THR A 98 -5.90 -5.66 11.03
C THR A 98 -7.39 -5.42 11.07
N THR A 99 -7.85 -4.55 10.18
CA THR A 99 -9.28 -4.26 10.11
C THR A 99 -10.08 -5.49 9.69
N SER A 100 -9.56 -6.22 8.72
CA SER A 100 -10.26 -7.43 8.25
CA SER A 100 -10.21 -7.41 8.25
C SER A 100 -10.35 -8.43 9.39
N LEU A 101 -9.27 -8.61 10.16
CA LEU A 101 -9.29 -9.54 11.26
C LEU A 101 -10.33 -9.12 12.28
N VAL A 102 -10.27 -7.86 12.69
CA VAL A 102 -11.12 -7.35 13.76
C VAL A 102 -12.61 -7.36 13.38
N ALA A 103 -12.89 -6.92 12.14
CA ALA A 103 -14.28 -6.82 11.69
C ALA A 103 -14.88 -8.19 11.50
N HIS A 104 -14.09 -9.15 10.99
CA HIS A 104 -14.62 -10.51 10.84
C HIS A 104 -14.82 -11.20 12.18
N ALA A 105 -13.94 -10.94 13.13
CA ALA A 105 -14.16 -11.42 14.49
C ALA A 105 -15.44 -10.79 15.09
N ALA A 106 -15.61 -9.47 14.91
CA ALA A 106 -16.80 -8.78 15.44
C ALA A 106 -18.07 -9.37 14.90
N ALA A 107 -18.08 -9.69 13.59
CA ALA A 107 -19.29 -10.23 12.96
C ALA A 107 -19.64 -11.60 13.52
N ARG A 108 -18.63 -12.32 14.02
CA ARG A 108 -18.80 -13.65 14.61
C ARG A 108 -19.07 -13.57 16.12
N GLY A 109 -19.08 -12.35 16.67
CA GLY A 109 -19.27 -12.17 18.12
C GLY A 109 -18.06 -12.53 18.97
N ILE A 110 -16.88 -12.51 18.34
CA ILE A 110 -15.64 -12.87 19.02
CA ILE A 110 -15.65 -12.88 19.03
C ILE A 110 -14.93 -11.62 19.51
N ALA A 111 -14.93 -11.45 20.83
CA ALA A 111 -14.27 -10.32 21.47
C ALA A 111 -12.75 -10.47 21.49
N LEU A 112 -12.04 -9.39 21.14
CA LEU A 112 -10.59 -9.36 21.22
C LEU A 112 -10.17 -8.23 22.14
N ARG A 113 -9.15 -8.47 22.96
CA ARG A 113 -8.66 -7.46 23.87
C ARG A 113 -7.57 -6.58 23.24
N GLY A 114 -6.71 -7.18 22.42
CA GLY A 114 -5.59 -6.47 21.82
C GLY A 114 -5.12 -7.20 20.60
N VAL A 115 -4.64 -6.43 19.64
CA VAL A 115 -4.08 -7.00 18.40
C VAL A 115 -2.88 -6.15 17.99
N LYS A 116 -1.78 -6.80 17.61
CA LYS A 116 -0.65 -6.11 17.02
C LYS A 116 -0.01 -7.01 15.98
N SER A 117 0.83 -6.40 15.15
CA SER A 117 1.45 -7.16 14.08
C SER A 117 2.74 -6.50 13.62
N ARG A 118 3.57 -7.32 12.98
CA ARG A 118 4.87 -6.89 12.44
C ARG A 118 5.02 -7.42 11.03
N TYR A 119 5.77 -6.66 10.22
CA TYR A 119 5.85 -6.80 8.78
C TYR A 119 7.28 -6.67 8.33
N GLU A 120 7.71 -7.52 7.40
CA GLU A 120 9.02 -7.37 6.78
C GLU A 120 8.94 -7.88 5.36
N GLY A 121 9.43 -7.08 4.42
CA GLY A 121 9.48 -7.50 3.01
C GLY A 121 10.85 -7.28 2.40
N ASP A 122 11.18 -8.16 1.47
CA ASP A 122 12.48 -8.16 0.82
C ASP A 122 12.38 -7.53 -0.57
N ILE A 123 13.28 -6.59 -0.87
CA ILE A 123 13.40 -5.99 -2.20
CA ILE A 123 13.40 -6.08 -2.22
C ILE A 123 14.88 -5.94 -2.60
N ASP A 124 15.16 -6.35 -3.83
CA ASP A 124 16.51 -6.23 -4.41
C ASP A 124 16.47 -5.08 -5.42
N LEU A 125 17.17 -4.00 -5.12
CA LEU A 125 17.18 -2.80 -5.97
C LEU A 125 17.72 -2.98 -7.37
N ARG A 126 18.35 -4.11 -7.68
CA ARG A 126 18.76 -4.36 -9.06
C ARG A 126 17.57 -4.41 -10.00
N GLY A 127 16.40 -4.70 -9.45
CA GLY A 127 15.15 -4.63 -10.22
C GLY A 127 14.87 -3.20 -10.67
N PHE A 128 14.66 -2.33 -9.70
CA PHE A 128 14.45 -0.90 -9.92
C PHE A 128 15.52 -0.29 -10.84
N LEU A 129 16.77 -0.69 -10.65
CA LEU A 129 17.87 -0.09 -11.41
C LEU A 129 18.08 -0.75 -12.78
N GLY A 130 17.31 -1.78 -13.10
CA GLY A 130 17.47 -2.50 -14.36
C GLY A 130 18.82 -3.19 -14.51
N LEU A 131 19.35 -3.73 -13.41
CA LEU A 131 20.68 -4.37 -13.43
C LEU A 131 20.63 -5.88 -13.48
N SER A 132 19.47 -6.45 -13.25
CA SER A 132 19.29 -7.90 -13.37
C SER A 132 17.89 -8.21 -13.86
N GLU A 133 17.82 -9.08 -14.87
CA GLU A 133 16.55 -9.50 -15.43
C GLU A 133 15.96 -10.67 -14.65
N GLU A 134 16.72 -11.19 -13.68
CA GLU A 134 16.22 -12.27 -12.85
C GLU A 134 15.35 -11.68 -11.72
N VAL A 135 15.99 -10.90 -10.87
CA VAL A 135 15.40 -10.28 -9.68
C VAL A 135 14.04 -9.62 -9.94
N PRO A 136 13.04 -9.87 -9.07
CA PRO A 136 11.81 -9.07 -9.20
C PRO A 136 12.04 -7.58 -8.95
N VAL A 137 11.19 -6.78 -9.56
CA VAL A 137 11.23 -5.34 -9.33
C VAL A 137 10.53 -4.98 -8.03
N GLY A 138 9.41 -5.63 -7.77
CA GLY A 138 8.67 -5.44 -6.52
C GLY A 138 9.21 -6.26 -5.38
N TYR A 139 8.44 -6.26 -4.30
CA TYR A 139 8.74 -7.15 -3.18
C TYR A 139 8.85 -8.59 -3.68
N ARG A 140 9.87 -9.30 -3.19
CA ARG A 140 10.05 -10.71 -3.49
C ARG A 140 9.03 -11.53 -2.70
N GLU A 141 8.79 -11.10 -1.47
CA GLU A 141 7.81 -11.68 -0.57
C GLU A 141 7.66 -10.73 0.64
N ILE A 142 6.59 -10.92 1.39
CA ILE A 142 6.34 -10.18 2.61
C ILE A 142 5.97 -11.20 3.66
N ARG A 143 6.56 -11.02 4.85
CA ARG A 143 6.29 -11.86 6.03
C ARG A 143 5.61 -11.06 7.12
N VAL A 144 4.48 -11.57 7.61
CA VAL A 144 3.66 -10.89 8.60
C VAL A 144 3.44 -11.83 9.77
N PHE A 145 3.53 -11.29 10.99
CA PHE A 145 3.16 -12.01 12.20
C PHE A 145 2.13 -11.21 12.99
N PHE A 146 1.10 -11.89 13.48
CA PHE A 146 0.10 -11.29 14.36
C PHE A 146 0.19 -11.83 15.77
N SER A 147 -0.05 -10.94 16.73
CA SER A 147 -0.27 -11.33 18.12
C SER A 147 -1.64 -10.86 18.53
N ILE A 148 -2.43 -11.78 19.09
CA ILE A 148 -3.84 -11.53 19.46
C ILE A 148 -4.06 -11.88 20.93
N ASP A 149 -4.48 -10.88 21.73
CA ASP A 149 -4.78 -11.08 23.14
C ASP A 149 -6.28 -11.29 23.22
N ALA A 150 -6.67 -12.51 23.52
CA ALA A 150 -8.07 -12.88 23.56
C ALA A 150 -8.21 -14.22 24.24
N ASP A 151 -9.42 -14.50 24.67
CA ASP A 151 -9.80 -15.76 25.27
CA ASP A 151 -9.72 -15.81 25.25
C ASP A 151 -10.05 -16.79 24.16
N LEU A 152 -9.02 -17.13 23.42
CA LEU A 152 -9.09 -18.06 22.33
C LEU A 152 -7.90 -18.98 22.35
N THR A 153 -8.06 -20.15 21.72
CA THR A 153 -6.96 -21.08 21.57
C THR A 153 -6.07 -20.60 20.43
N ASP A 154 -4.86 -21.14 20.35
CA ASP A 154 -3.99 -20.81 19.22
C ASP A 154 -4.64 -21.18 17.88
N GLY A 155 -5.29 -22.33 17.81
CA GLY A 155 -5.98 -22.71 16.59
C GLY A 155 -7.06 -21.72 16.17
N GLN A 156 -7.84 -21.24 17.15
CA GLN A 156 -8.86 -20.24 16.87
CA GLN A 156 -8.87 -20.20 16.93
C GLN A 156 -8.25 -18.91 16.44
N LYS A 157 -7.10 -18.55 17.01
CA LYS A 157 -6.38 -17.37 16.58
C LYS A 157 -5.91 -17.53 15.13
N GLU A 158 -5.38 -18.70 14.81
CA GLU A 158 -4.92 -18.98 13.46
C GLU A 158 -6.09 -18.88 12.47
N GLU A 159 -7.28 -19.31 12.88
CA GLU A 159 -8.49 -19.19 12.02
C GLU A 159 -8.86 -17.73 11.73
N LEU A 160 -8.82 -16.89 12.77
CA LEU A 160 -9.07 -15.47 12.60
C LEU A 160 -8.10 -14.87 11.60
N ILE A 161 -6.84 -15.30 11.67
CA ILE A 161 -5.81 -14.79 10.79
C ILE A 161 -6.07 -15.25 9.36
N ARG A 162 -6.47 -16.49 9.18
CA ARG A 162 -6.77 -17.01 7.82
C ARG A 162 -7.93 -16.21 7.24
N ALA A 164 -8.79 -13.13 8.08
CA ALA A 164 -8.29 -11.81 7.80
C ALA A 164 -7.69 -11.71 6.39
N GLN A 165 -6.84 -12.68 6.04
CA GLN A 165 -6.19 -12.76 4.74
C GLN A 165 -7.21 -12.94 3.66
N LYS A 166 -8.15 -13.86 3.88
CA LYS A 166 -9.11 -14.21 2.84
CA LYS A 166 -9.13 -14.21 2.85
C LYS A 166 -9.90 -12.97 2.40
N TYR A 167 -10.29 -12.13 3.36
CA TYR A 167 -11.22 -11.02 3.08
C TYR A 167 -10.55 -9.65 2.96
N SER A 168 -9.23 -9.59 3.07
CA SER A 168 -8.50 -8.31 3.02
C SER A 168 -8.23 -7.80 1.60
N PRO A 169 -8.82 -6.64 1.23
CA PRO A 169 -8.49 -6.10 -0.09
C PRO A 169 -7.03 -5.86 -0.39
N VAL A 170 -6.29 -5.29 0.55
CA VAL A 170 -4.86 -5.03 0.29
C VAL A 170 -4.07 -6.33 0.22
N TYR A 171 -4.37 -7.29 1.10
CA TYR A 171 -3.72 -8.58 1.04
C TYR A 171 -3.86 -9.20 -0.36
N ASN A 172 -5.11 -9.21 -0.84
CA ASN A 172 -5.40 -9.83 -2.11
C ASN A 172 -4.84 -9.05 -3.30
N THR A 173 -4.73 -7.73 -3.16
CA THR A 173 -4.13 -6.89 -4.20
C THR A 173 -2.62 -7.14 -4.31
N VAL A 174 -1.96 -7.43 -3.18
CA VAL A 174 -0.57 -7.81 -3.17
C VAL A 174 -0.38 -9.22 -3.70
N ALA A 175 -1.12 -10.18 -3.12
CA ALA A 175 -0.86 -11.60 -3.38
C ALA A 175 -1.31 -12.11 -4.75
N LYS A 176 -2.21 -11.35 -5.38
CA LYS A 176 -2.75 -11.69 -6.70
CA LYS A 176 -2.72 -11.71 -6.70
C LYS A 176 -2.36 -10.60 -7.69
N PRO A 177 -2.42 -10.88 -9.01
CA PRO A 177 -2.17 -9.84 -10.01
C PRO A 177 -3.36 -8.92 -10.16
N VAL A 178 -3.19 -7.62 -9.97
CA VAL A 178 -4.27 -6.66 -10.20
C VAL A 178 -3.81 -5.70 -11.29
N PRO A 179 -4.62 -5.55 -12.35
CA PRO A 179 -4.19 -4.66 -13.41
C PRO A 179 -4.16 -3.17 -13.01
N VAL A 180 -3.09 -2.48 -13.45
CA VAL A 180 -2.91 -1.08 -13.22
C VAL A 180 -2.59 -0.40 -14.57
N ALA A 181 -3.53 0.42 -15.05
CA ALA A 181 -3.35 1.16 -16.29
C ALA A 181 -2.72 2.51 -15.93
N VAL A 182 -1.60 2.84 -16.57
CA VAL A 182 -0.95 4.13 -16.32
C VAL A 182 -0.79 4.85 -17.63
N LEU A 183 -1.41 6.02 -17.72
CA LEU A 183 -1.69 6.79 -18.96
CA LEU A 183 -1.44 6.70 -18.97
C LEU A 183 -1.16 8.20 -18.84
N LEU A 184 -0.85 8.80 -19.99
CA LEU A 184 -0.59 10.22 -20.06
C LEU A 184 -1.92 10.96 -20.14
N ASP A 185 -2.07 11.99 -19.34
CA ASP A 185 -3.11 13.01 -19.51
C ASP A 185 -2.51 14.09 -20.41
N ARG A 186 -2.94 14.10 -21.66
N THR B 6 26.44 16.99 -10.36
CA THR B 6 25.52 16.89 -11.54
C THR B 6 24.18 16.33 -11.07
N VAL B 7 23.19 17.21 -11.12
CA VAL B 7 21.91 16.92 -10.52
C VAL B 7 20.88 17.19 -11.59
N VAL B 8 19.99 16.21 -11.78
CA VAL B 8 18.88 16.35 -12.72
C VAL B 8 17.62 15.99 -11.96
N ASN B 9 16.62 16.85 -12.03
CA ASN B 9 15.34 16.66 -11.33
C ASN B 9 15.51 16.49 -9.83
N GLY B 10 16.49 17.18 -9.26
CA GLY B 10 16.75 17.04 -7.83
C GLY B 10 17.36 15.73 -7.41
N VAL B 11 17.78 14.91 -8.38
CA VAL B 11 18.39 13.63 -8.07
C VAL B 11 19.89 13.75 -8.28
N ASN B 12 20.65 13.33 -7.28
CA ASN B 12 22.10 13.26 -7.40
C ASN B 12 22.48 12.12 -8.32
N VAL B 13 22.78 12.46 -9.57
CA VAL B 13 23.00 11.46 -10.60
C VAL B 13 24.39 10.82 -10.43
N ASP B 14 25.31 11.57 -9.83
CA ASP B 14 26.63 11.04 -9.48
C ASP B 14 26.53 9.93 -8.43
N GLN B 15 25.74 10.18 -7.39
CA GLN B 15 25.47 9.14 -6.38
C GLN B 15 24.78 7.93 -6.98
N LEU B 16 23.81 8.19 -7.85
CA LEU B 16 23.11 7.12 -8.54
C LEU B 16 24.07 6.22 -9.34
N ALA B 18 27.28 5.95 -9.03
CA ALA B 18 28.20 5.36 -8.05
C ALA B 18 27.59 4.12 -7.39
N THR B 19 26.32 4.24 -7.02
CA THR B 19 25.61 3.16 -6.37
C THR B 19 25.51 2.00 -7.35
N ILE B 20 25.19 2.29 -8.61
CA ILE B 20 25.06 1.25 -9.64
C ILE B 20 26.39 0.49 -9.82
N GLU B 21 27.50 1.21 -9.83
CA GLU B 21 28.78 0.56 -10.07
C GLU B 21 29.12 -0.34 -8.89
N GLN B 22 28.87 0.16 -7.68
CA GLN B 22 29.08 -0.61 -6.46
CA GLN B 22 29.09 -0.61 -6.47
C GLN B 22 28.25 -1.89 -6.44
N ILE B 23 27.01 -1.80 -6.94
CA ILE B 23 26.13 -2.96 -6.97
C ILE B 23 26.61 -4.00 -8.00
N LYS B 24 27.06 -3.53 -9.16
CA LYS B 24 27.60 -4.45 -10.17
C LYS B 24 28.75 -5.29 -9.60
N ALA B 25 29.63 -4.64 -8.81
CA ALA B 25 30.74 -5.33 -8.17
C ALA B 25 30.34 -6.22 -6.99
N LYS B 26 29.33 -5.77 -6.25
CA LYS B 26 28.92 -6.41 -5.01
C LYS B 26 27.41 -6.42 -4.97
N PRO B 27 26.78 -7.34 -5.72
CA PRO B 27 25.31 -7.35 -5.85
C PRO B 27 24.51 -7.39 -4.55
N GLU B 28 25.09 -7.96 -3.50
CA GLU B 28 24.40 -8.04 -2.19
C GLU B 28 24.06 -6.68 -1.55
N ILE B 29 24.80 -5.63 -1.91
CA ILE B 29 24.52 -4.26 -1.51
C ILE B 29 23.08 -3.85 -1.81
N ALA B 30 22.52 -4.44 -2.87
CA ALA B 30 21.19 -4.07 -3.37
C ALA B 30 20.05 -4.73 -2.60
N GLN B 31 20.37 -5.59 -1.64
CA GLN B 31 19.35 -6.26 -0.84
C GLN B 31 18.88 -5.37 0.30
N PHE B 32 17.62 -4.98 0.23
CA PHE B 32 16.97 -4.20 1.30
C PHE B 32 15.84 -4.98 1.94
N LYS B 33 15.60 -4.66 3.21
CA LYS B 33 14.45 -5.17 3.91
C LYS B 33 13.74 -3.97 4.53
N PHE B 34 12.45 -3.85 4.24
CA PHE B 34 11.64 -2.78 4.81
C PHE B 34 10.66 -3.39 5.79
N ARG B 35 10.29 -2.60 6.79
CA ARG B 35 9.53 -3.12 7.94
C ARG B 35 8.43 -2.16 8.39
N ALA B 36 7.43 -2.73 9.04
CA ALA B 36 6.43 -1.92 9.77
C ALA B 36 5.93 -2.71 10.95
N THR B 37 5.39 -1.99 11.91
CA THR B 37 4.61 -2.59 13.00
C THR B 37 3.26 -1.90 13.06
N ASN B 38 2.27 -2.59 13.60
CA ASN B 38 0.93 -2.03 13.70
C ASN B 38 0.27 -2.43 15.00
N GLN B 39 -0.35 -1.46 15.67
CA GLN B 39 -1.17 -1.74 16.87
C GLN B 39 -2.61 -1.34 16.60
N TRP B 40 -3.52 -2.27 16.89
CA TRP B 40 -4.95 -2.01 16.81
C TRP B 40 -5.38 -1.00 17.88
N GLY B 42 -8.84 0.05 18.22
CA GLY B 42 -10.27 -0.11 18.46
C GLY B 42 -11.04 0.03 17.17
N GLY B 43 -12.04 -0.84 16.96
CA GLY B 43 -12.85 -0.79 15.76
C GLY B 43 -11.98 -0.91 14.53
N THR B 44 -12.33 -0.14 13.51
CA THR B 44 -11.58 -0.10 12.27
C THR B 44 -10.35 0.79 12.33
N HIS B 45 -10.00 1.28 13.53
CA HIS B 45 -8.85 2.18 13.71
C HIS B 45 -7.63 1.44 14.17
N ASN B 46 -6.54 1.61 13.43
CA ASN B 46 -5.29 1.05 13.85
C ASN B 46 -4.17 1.99 13.45
N GLN B 47 -2.98 1.74 13.97
CA GLN B 47 -1.87 2.67 13.79
CA GLN B 47 -1.85 2.66 13.80
C GLN B 47 -0.62 1.91 13.36
N ALA B 48 0.00 2.34 12.26
CA ALA B 48 1.22 1.73 11.74
C ALA B 48 2.42 2.61 12.07
N THR B 49 3.57 1.99 12.36
CA THR B 49 4.80 2.72 12.61
C THR B 49 5.89 2.21 11.69
N ILE B 50 6.55 3.16 11.01
CA ILE B 50 7.76 2.93 10.23
C ILE B 50 8.93 3.52 11.03
N LYS B 51 10.02 2.76 11.14
CA LYS B 51 11.23 3.25 11.78
C LYS B 51 12.48 2.74 11.08
N ASP B 52 12.91 1.53 11.41
CA ASP B 52 14.15 0.97 10.92
C ASP B 52 14.00 0.30 9.55
N PHE B 53 15.11 0.18 8.83
CA PHE B 53 15.22 -0.69 7.63
C PHE B 53 16.61 -1.31 7.56
N TYR B 54 16.77 -2.26 6.63
CA TYR B 54 18.08 -2.86 6.35
C TYR B 54 18.39 -2.63 4.87
N GLY B 55 19.63 -2.29 4.55
CA GLY B 55 20.04 -2.15 3.18
C GLY B 55 21.49 -1.78 3.07
N ALA B 56 22.05 -2.04 1.88
CA ALA B 56 23.47 -1.75 1.64
C ALA B 56 24.30 -2.41 2.75
N CYS B 57 23.95 -3.67 3.01
CA CYS B 57 24.71 -4.53 3.92
CA CYS B 57 24.66 -4.56 3.93
C CYS B 57 24.74 -4.07 5.38
N ALA B 58 23.76 -3.27 5.81
CA ALA B 58 23.73 -2.83 7.21
C ALA B 58 22.32 -2.42 7.67
N GLU B 59 22.08 -2.65 8.95
CA GLU B 59 20.89 -2.14 9.62
CA GLU B 59 20.91 -2.15 9.65
C GLU B 59 20.97 -0.63 9.75
N ASP B 60 19.84 0.04 9.48
CA ASP B 60 19.72 1.47 9.69
C ASP B 60 18.58 1.73 10.66
N ASP B 61 18.91 2.07 11.89
CA ASP B 61 17.89 2.46 12.87
C ASP B 61 18.06 3.90 13.31
N THR B 62 18.44 4.76 12.37
CA THR B 62 18.79 6.15 12.68
C THR B 62 17.60 7.10 12.62
N ARG B 63 16.54 6.70 11.93
CA ARG B 63 15.38 7.58 11.65
CA ARG B 63 15.45 7.63 11.70
C ARG B 63 14.45 7.70 12.85
N LYS B 64 13.77 8.84 12.95
CA LYS B 64 12.72 8.98 13.95
C LYS B 64 11.49 8.18 13.48
N PRO B 65 10.73 7.63 14.41
CA PRO B 65 9.56 6.87 13.93
C PRO B 65 8.52 7.74 13.24
N VAL B 67 4.46 7.62 12.31
CA VAL B 67 3.25 6.95 12.70
C VAL B 67 2.10 7.38 11.81
N PHE B 68 1.28 6.41 11.44
CA PHE B 68 0.19 6.61 10.51
C PHE B 68 -1.09 6.05 11.11
N ASP B 69 -2.19 6.82 11.06
CA ASP B 69 -3.48 6.32 11.52
C ASP B 69 -4.31 5.89 10.34
N LEU B 70 -4.85 4.68 10.44
CA LEU B 70 -5.72 4.09 9.44
C LEU B 70 -7.10 3.90 10.03
N ASP B 71 -8.13 4.19 9.24
CA ASP B 71 -9.50 4.01 9.72
C ASP B 71 -10.37 3.78 8.49
N GLU B 72 -11.59 4.29 8.53
CA GLU B 72 -12.60 4.11 7.48
C GLU B 72 -13.56 5.30 7.57
N PRO B 73 -14.24 5.63 6.47
CA PRO B 73 -15.35 6.59 6.57
C PRO B 73 -16.54 5.94 7.28
N PRO B 74 -17.52 6.75 7.67
CA PRO B 74 -18.70 6.17 8.36
C PRO B 74 -19.42 5.04 7.64
N VAL B 75 -19.58 5.13 6.32
CA VAL B 75 -20.28 4.08 5.59
C VAL B 75 -19.49 2.76 5.60
N LEU B 76 -18.20 2.82 5.88
CA LEU B 76 -17.34 1.63 5.99
C LEU B 76 -16.98 1.30 7.46
N LEU B 77 -17.84 1.73 8.38
CA LEU B 77 -17.81 1.31 9.81
C LEU B 77 -16.76 2.01 10.65
N GLY B 78 -16.15 3.08 10.11
CA GLY B 78 -15.21 3.89 10.86
C GLY B 78 -15.75 5.24 11.24
N GLU B 79 -14.85 6.11 11.68
CA GLU B 79 -15.24 7.41 12.21
C GLU B 79 -14.34 8.50 11.69
N ASN B 80 -13.71 8.30 10.53
CA ASN B 80 -12.74 9.27 9.97
C ASN B 80 -11.58 9.58 10.92
N ARG B 81 -11.05 8.53 11.54
CA ARG B 81 -9.84 8.61 12.37
C ARG B 81 -8.57 8.38 11.55
N GLY B 82 -8.68 8.51 10.23
CA GLY B 82 -7.58 8.32 9.31
C GLY B 82 -8.05 7.82 7.97
N ALA B 83 -7.22 7.96 6.95
CA ALA B 83 -7.54 7.42 5.64
C ALA B 83 -7.59 5.88 5.73
N ASN B 84 -8.24 5.25 4.77
CA ASN B 84 -8.42 3.82 4.86
C ASN B 84 -7.28 3.05 4.20
N PRO B 85 -7.15 1.77 4.52
CA PRO B 85 -6.01 1.02 3.97
C PRO B 85 -5.88 0.98 2.48
N VAL B 86 -7.01 0.90 1.78
CA VAL B 86 -6.94 0.85 0.31
C VAL B 86 -6.58 2.20 -0.27
N GLU B 87 -6.91 3.29 0.45
CA GLU B 87 -6.38 4.61 0.10
C GLU B 87 -4.87 4.71 0.32
N TYR B 88 -4.36 4.21 1.43
CA TYR B 88 -2.91 4.16 1.64
C TYR B 88 -2.20 3.38 0.52
N LEU B 89 -2.84 2.35 -0.03
CA LEU B 89 -2.22 1.63 -1.13
CA LEU B 89 -2.23 1.62 -1.14
C LEU B 89 -2.05 2.54 -2.34
N LEU B 90 -3.07 3.33 -2.63
CA LEU B 90 -2.91 4.35 -3.69
C LEU B 90 -1.84 5.38 -3.41
N VAL B 91 -1.74 5.79 -2.15
CA VAL B 91 -0.67 6.70 -1.74
C VAL B 91 0.70 6.09 -2.07
N ALA B 92 0.90 4.82 -1.71
CA ALA B 92 2.14 4.11 -1.98
C ALA B 92 2.45 4.05 -3.47
N LEU B 93 1.45 3.64 -4.24
CA LEU B 93 1.61 3.51 -5.66
C LEU B 93 1.99 4.85 -6.28
N SER B 94 1.32 5.90 -5.82
CA SER B 94 1.56 7.22 -6.37
C SER B 94 2.99 7.69 -6.11
N GLY B 95 3.48 7.46 -4.89
CA GLY B 95 4.84 7.87 -4.60
C GLY B 95 5.88 7.11 -5.40
N CYS B 96 5.60 5.82 -5.56
CA CYS B 96 6.56 4.96 -6.23
C CYS B 96 6.64 5.24 -7.70
N LEU B 97 5.49 5.34 -8.36
CA LEU B 97 5.50 5.65 -9.79
C LEU B 97 6.14 6.99 -10.03
N THR B 98 5.85 7.97 -9.17
CA THR B 98 6.40 9.32 -9.35
C THR B 98 7.93 9.33 -9.19
N THR B 99 8.42 8.70 -8.14
CA THR B 99 9.86 8.64 -7.96
C THR B 99 10.56 7.82 -9.05
N SER B 100 9.97 6.71 -9.44
CA SER B 100 10.53 5.91 -10.55
CA SER B 100 10.46 5.91 -10.53
C SER B 100 10.57 6.72 -11.84
N LEU B 101 9.51 7.48 -12.15
CA LEU B 101 9.49 8.29 -13.35
C LEU B 101 10.62 9.35 -13.32
N VAL B 102 10.70 10.06 -12.22
CA VAL B 102 11.61 11.20 -12.04
C VAL B 102 13.06 10.70 -12.06
N ALA B 103 13.32 9.61 -11.34
CA ALA B 103 14.68 9.07 -11.25
C ALA B 103 15.19 8.49 -12.58
N HIS B 104 14.33 7.78 -13.28
CA HIS B 104 14.72 7.27 -14.59
C HIS B 104 14.87 8.39 -15.64
N ALA B 105 14.06 9.44 -15.56
CA ALA B 105 14.29 10.63 -16.39
C ALA B 105 15.64 11.24 -16.08
N ALA B 106 15.92 11.42 -14.79
CA ALA B 106 17.19 12.00 -14.35
C ALA B 106 18.39 11.22 -14.89
N ALA B 107 18.34 9.88 -14.79
CA ALA B 107 19.47 9.04 -15.24
C ALA B 107 19.76 9.22 -16.73
N ARG B 108 18.74 9.58 -17.50
CA ARG B 108 18.85 9.83 -18.94
C ARG B 108 19.07 11.31 -19.27
N GLY B 109 19.16 12.14 -18.24
CA GLY B 109 19.44 13.56 -18.40
C GLY B 109 18.24 14.39 -18.85
N ILE B 110 17.05 13.86 -18.65
CA ILE B 110 15.83 14.51 -19.14
C ILE B 110 15.20 15.32 -18.00
N ALA B 111 15.28 16.64 -18.13
CA ALA B 111 14.79 17.56 -17.12
C ALA B 111 13.28 17.76 -17.21
N LEU B 112 12.64 17.75 -16.04
CA LEU B 112 11.19 17.90 -15.94
C LEU B 112 10.87 19.12 -15.10
N ARG B 113 9.90 19.93 -15.54
CA ARG B 113 9.50 21.13 -14.78
C ARG B 113 8.52 20.77 -13.68
N GLY B 114 7.67 19.79 -13.96
CA GLY B 114 6.62 19.43 -13.03
C GLY B 114 6.05 18.08 -13.36
N VAL B 115 5.56 17.39 -12.35
CA VAL B 115 4.92 16.08 -12.49
C VAL B 115 3.77 16.01 -11.48
N LYS B 116 2.61 15.59 -11.94
CA LYS B 116 1.46 15.33 -11.06
C LYS B 116 0.69 14.16 -11.63
N SER B 117 -0.11 13.55 -10.77
CA SER B 117 -0.88 12.39 -11.18
C SER B 117 -2.18 12.24 -10.36
N ARG B 118 -3.11 11.49 -10.92
CA ARG B 118 -4.34 11.12 -10.23
C ARG B 118 -4.62 9.63 -10.43
N TYR B 119 -5.30 9.05 -9.43
CA TYR B 119 -5.43 7.61 -9.20
C TYR B 119 -6.89 7.32 -8.89
N GLU B 120 -7.38 6.21 -9.44
CA GLU B 120 -8.65 5.64 -9.00
C GLU B 120 -8.60 4.14 -9.11
N GLY B 121 -9.09 3.48 -8.09
CA GLY B 121 -9.32 2.06 -8.18
C GLY B 121 -10.72 1.74 -7.72
N ASP B 122 -11.32 0.70 -8.32
CA ASP B 122 -12.65 0.28 -7.91
C ASP B 122 -12.63 -1.07 -7.26
N ILE B 123 -13.53 -1.25 -6.31
CA ILE B 123 -13.59 -2.42 -5.41
CA ILE B 123 -13.61 -2.46 -5.55
C ILE B 123 -15.06 -2.73 -5.17
N ASP B 124 -15.43 -4.02 -5.16
CA ASP B 124 -16.76 -4.47 -4.78
C ASP B 124 -16.70 -5.02 -3.38
N LEU B 125 -17.38 -4.37 -2.45
CA LEU B 125 -17.37 -4.76 -1.02
CA LEU B 125 -17.33 -4.74 -1.03
C LEU B 125 -17.90 -6.15 -0.77
N ARG B 126 -18.62 -6.71 -1.74
CA ARG B 126 -19.13 -8.07 -1.56
CA ARG B 126 -19.13 -8.07 -1.60
C ARG B 126 -17.99 -9.06 -1.34
N GLY B 127 -16.80 -8.76 -1.86
CA GLY B 127 -15.62 -9.61 -1.59
C GLY B 127 -15.26 -9.61 -0.11
N PHE B 128 -14.91 -8.47 0.42
CA PHE B 128 -14.59 -8.31 1.85
C PHE B 128 -15.68 -8.87 2.76
N LEU B 129 -16.93 -8.64 2.40
CA LEU B 129 -18.07 -9.05 3.22
C LEU B 129 -18.43 -10.53 3.09
N GLY B 130 -17.74 -11.25 2.22
CA GLY B 130 -17.97 -12.69 2.09
C GLY B 130 -19.29 -13.03 1.42
N LEU B 131 -19.80 -12.11 0.60
CA LEU B 131 -21.11 -12.28 -0.02
C LEU B 131 -21.09 -12.93 -1.38
N SER B 132 -19.90 -13.09 -1.94
CA SER B 132 -19.73 -13.75 -3.23
C SER B 132 -18.37 -14.41 -3.27
N GLU B 133 -18.32 -15.67 -3.69
CA GLU B 133 -17.02 -16.32 -3.90
C GLU B 133 -16.38 -15.98 -5.24
N GLU B 134 -17.09 -15.34 -6.17
N GLU B 134 -17.13 -15.32 -6.10
CA GLU B 134 -16.50 -15.01 -7.47
CA GLU B 134 -16.71 -15.01 -7.47
C GLU B 134 -15.90 -13.60 -7.50
C GLU B 134 -16.16 -13.58 -7.64
N VAL B 135 -16.46 -12.71 -6.69
CA VAL B 135 -16.04 -11.30 -6.73
C VAL B 135 -14.60 -11.16 -6.22
N PRO B 136 -13.75 -10.43 -6.94
CA PRO B 136 -12.43 -10.14 -6.39
C PRO B 136 -12.56 -9.41 -5.06
N VAL B 137 -11.71 -9.82 -4.12
CA VAL B 137 -11.66 -9.16 -2.83
C VAL B 137 -10.87 -7.87 -2.91
N GLY B 138 -9.76 -7.86 -3.67
CA GLY B 138 -8.95 -6.69 -3.87
C GLY B 138 -9.54 -5.75 -4.90
N TYR B 139 -8.74 -4.76 -5.28
CA TYR B 139 -9.08 -3.88 -6.36
C TYR B 139 -9.33 -4.71 -7.64
N ARG B 140 -10.34 -4.30 -8.40
CA ARG B 140 -10.61 -4.89 -9.69
C ARG B 140 -9.56 -4.40 -10.73
N GLU B 141 -9.30 -3.11 -10.65
CA GLU B 141 -8.37 -2.42 -11.51
CA GLU B 141 -8.37 -2.41 -11.52
C GLU B 141 -8.05 -1.07 -10.86
N ILE B 142 -6.84 -0.58 -11.12
CA ILE B 142 -6.40 0.76 -10.73
C ILE B 142 -6.02 1.51 -11.99
N ARG B 143 -6.42 2.78 -12.10
CA ARG B 143 -6.15 3.60 -13.27
C ARG B 143 -5.42 4.87 -12.84
N VAL B 144 -4.34 5.21 -13.53
CA VAL B 144 -3.48 6.30 -13.15
C VAL B 144 -3.27 7.19 -14.39
N PHE B 145 -3.38 8.49 -14.19
CA PHE B 145 -3.11 9.49 -15.23
C PHE B 145 -2.04 10.44 -14.75
N PHE B 146 -0.95 10.54 -15.52
CA PHE B 146 0.15 11.47 -15.26
C PHE B 146 0.08 12.69 -16.18
N SER B 147 0.36 13.85 -15.61
CA SER B 147 0.56 15.08 -16.35
C SER B 147 2.00 15.49 -16.09
N ILE B 148 2.74 15.68 -17.17
CA ILE B 148 4.16 16.01 -17.11
C ILE B 148 4.38 17.32 -17.83
N ASP B 149 4.94 18.31 -17.12
CA ASP B 149 5.27 19.61 -17.68
C ASP B 149 6.75 19.55 -18.03
N ALA B 150 7.03 19.43 -19.32
CA ALA B 150 8.37 19.28 -19.79
C ALA B 150 8.43 19.52 -21.26
N ASP B 151 9.64 19.78 -21.70
CA ASP B 151 9.94 20.05 -23.08
C ASP B 151 9.97 18.75 -23.92
N LEU B 152 8.81 18.07 -24.02
CA LEU B 152 8.73 16.70 -24.56
C LEU B 152 7.46 16.50 -25.35
N THR B 153 7.50 15.64 -26.37
CA THR B 153 6.32 15.26 -27.09
C THR B 153 5.50 14.26 -26.25
N ASP B 154 4.26 14.02 -26.69
CA ASP B 154 3.42 13.03 -26.00
C ASP B 154 4.14 11.68 -25.98
N GLY B 155 4.69 11.26 -27.11
CA GLY B 155 5.40 9.98 -27.17
C GLY B 155 6.61 9.92 -26.23
N GLN B 156 7.33 11.02 -26.08
CA GLN B 156 8.46 11.06 -25.16
C GLN B 156 8.00 10.96 -23.69
N LYS B 157 6.91 11.63 -23.36
CA LYS B 157 6.28 11.51 -22.05
C LYS B 157 5.80 10.09 -21.82
N GLU B 158 5.19 9.49 -22.83
CA GLU B 158 4.72 8.12 -22.69
C GLU B 158 5.87 7.13 -22.41
N GLU B 159 7.02 7.33 -23.05
CA GLU B 159 8.23 6.56 -22.74
C GLU B 159 8.64 6.70 -21.25
N LEU B 160 8.62 7.91 -20.70
CA LEU B 160 8.97 8.10 -19.28
C LEU B 160 8.01 7.31 -18.39
N ILE B 161 6.74 7.32 -18.77
CA ILE B 161 5.69 6.62 -18.04
C ILE B 161 5.86 5.10 -18.14
N ARG B 162 6.21 4.59 -19.32
CA ARG B 162 6.47 3.17 -19.51
CA ARG B 162 6.43 3.17 -19.48
C ARG B 162 7.60 2.73 -18.60
N ALA B 164 8.67 4.30 -15.90
CA ALA B 164 8.23 4.42 -14.52
C ALA B 164 7.60 3.14 -14.02
N GLN B 165 6.67 2.60 -14.82
CA GLN B 165 5.94 1.39 -14.42
C GLN B 165 6.86 0.19 -14.40
N LYS B 166 7.68 0.06 -15.45
CA LYS B 166 8.56 -1.10 -15.60
C LYS B 166 9.41 -1.29 -14.37
N TYR B 167 9.91 -0.18 -13.82
CA TYR B 167 10.91 -0.21 -12.75
C TYR B 167 10.38 0.12 -11.35
N SER B 168 9.08 0.36 -11.22
CA SER B 168 8.46 0.71 -9.95
C SER B 168 8.16 -0.53 -9.08
N PRO B 169 8.80 -0.61 -7.90
CA PRO B 169 8.46 -1.71 -7.01
C PRO B 169 6.98 -1.83 -6.61
N VAL B 170 6.32 -0.72 -6.24
CA VAL B 170 4.92 -0.81 -5.84
C VAL B 170 4.04 -1.17 -7.05
N TYR B 171 4.29 -0.58 -8.22
CA TYR B 171 3.53 -1.01 -9.39
C TYR B 171 3.61 -2.53 -9.61
N ASN B 172 4.82 -3.09 -9.52
CA ASN B 172 5.01 -4.50 -9.78
C ASN B 172 4.47 -5.38 -8.67
N THR B 173 4.42 -4.85 -7.44
CA THR B 173 3.82 -5.59 -6.34
C THR B 173 2.31 -5.70 -6.49
N VAL B 174 1.68 -4.67 -7.05
CA VAL B 174 0.25 -4.71 -7.35
C VAL B 174 -0.03 -5.58 -8.59
N ALA B 175 0.68 -5.31 -9.69
CA ALA B 175 0.42 -5.97 -10.96
C ALA B 175 0.71 -7.47 -11.01
N LYS B 176 1.61 -7.92 -10.15
CA LYS B 176 2.04 -9.31 -10.11
C LYS B 176 1.65 -9.97 -8.81
N PRO B 177 1.61 -11.30 -8.75
CA PRO B 177 1.32 -11.97 -7.50
C PRO B 177 2.58 -12.03 -6.62
N VAL B 178 2.54 -11.41 -5.45
CA VAL B 178 3.67 -11.42 -4.53
C VAL B 178 3.28 -12.26 -3.31
N PRO B 179 4.06 -13.30 -2.99
CA PRO B 179 3.64 -14.12 -1.86
CA PRO B 179 3.69 -14.13 -1.85
C PRO B 179 3.77 -13.38 -0.52
N VAL B 180 2.75 -13.54 0.30
CA VAL B 180 2.66 -12.95 1.62
C VAL B 180 2.25 -14.02 2.59
N ALA B 181 3.14 -14.31 3.55
CA ALA B 181 2.86 -15.30 4.60
C ALA B 181 2.46 -14.59 5.85
N VAL B 182 1.30 -14.96 6.41
CA VAL B 182 0.77 -14.33 7.62
C VAL B 182 0.61 -15.40 8.66
N LEU B 183 1.28 -15.23 9.79
CA LEU B 183 1.32 -16.27 10.82
C LEU B 183 1.06 -15.73 12.22
N LEU B 184 0.55 -16.57 13.09
CA LEU B 184 0.51 -16.24 14.52
C LEU B 184 1.94 -16.19 15.04
N ASP B 185 2.26 -15.13 15.79
CA ASP B 185 3.63 -14.84 16.28
C ASP B 185 3.95 -15.83 17.37
N ARG B 186 5.17 -16.36 17.31
CA ARG B 186 5.69 -17.24 18.35
C ARG B 186 6.70 -16.53 19.26
N GLY B 187 6.89 -15.24 19.01
CA GLY B 187 7.66 -14.39 19.92
C GLY B 187 6.83 -13.19 20.34
#